data_4H7Y
#
_entry.id   4H7Y
#
_cell.length_a   79.502
_cell.length_b   80.250
_cell.length_c   141.278
_cell.angle_alpha   90.00
_cell.angle_beta   90.00
_cell.angle_gamma   90.00
#
_symmetry.space_group_name_H-M   'P 21 21 21'
#
loop_
_entity.id
_entity.type
_entity.pdbx_description
1 polymer 'Dual specificity protein kinase TTK'
2 water water
#
_entity_poly.entity_id   1
_entity_poly.type   'polypeptide(L)'
_entity_poly.pdbx_seq_one_letter_code
;GPLGSIMMMANNPEDWLSLLLKLEKNSVPLSDALLNKLIGRYSQAIEALPPDKYGQNESFARIQVRFAELKAIQEPDDAR
DYFQMARANCKKFAFVHISFAQFELSQGNVKKSKQLLQKAVERGAVPLEMLEIALRNLNLQKKQLLSEEEKKNLSASTVL
T
;
_entity_poly.pdbx_strand_id   A,B,C,D
#
# COMPACT_ATOMS: atom_id res chain seq x y z
N ALA A 10 -13.97 9.57 27.27
CA ALA A 10 -13.67 9.71 25.84
C ALA A 10 -12.39 8.96 25.47
N ASN A 11 -11.52 8.75 26.45
CA ASN A 11 -10.38 7.90 26.25
C ASN A 11 -10.73 6.42 26.47
N ASN A 12 -11.63 5.91 25.64
CA ASN A 12 -11.93 4.48 25.66
C ASN A 12 -11.91 3.94 24.24
N PRO A 13 -11.72 2.63 24.08
CA PRO A 13 -11.56 2.05 22.73
C PRO A 13 -12.79 2.19 21.86
N GLU A 14 -13.98 2.19 22.46
CA GLU A 14 -15.21 2.25 21.70
C GLU A 14 -15.36 3.60 21.02
N ASP A 15 -15.10 4.66 21.76
CA ASP A 15 -15.16 6.01 21.20
C ASP A 15 -14.05 6.23 20.17
N TRP A 16 -12.86 5.74 20.46
CA TRP A 16 -11.76 5.83 19.49
C TRP A 16 -12.07 5.09 18.19
N LEU A 17 -12.59 3.87 18.31
CA LEU A 17 -12.92 3.08 17.12
C LEU A 17 -13.96 3.78 16.26
N SER A 18 -14.98 4.35 16.90
CA SER A 18 -16.01 5.10 16.17
CA SER A 18 -16.01 5.11 16.18
C SER A 18 -15.42 6.27 15.39
N LEU A 19 -14.54 7.03 16.03
CA LEU A 19 -13.90 8.20 15.39
C LEU A 19 -13.03 7.76 14.20
N LEU A 20 -12.32 6.66 14.40
CA LEU A 20 -11.43 6.12 13.37
C LEU A 20 -12.20 5.56 12.17
N LEU A 21 -13.29 4.83 12.43
CA LEU A 21 -14.11 4.34 11.33
C LEU A 21 -14.77 5.49 10.58
N LYS A 22 -15.10 6.54 11.31
CA LYS A 22 -15.73 7.70 10.69
C LYS A 22 -14.72 8.44 9.81
N LEU A 23 -13.50 8.58 10.31
CA LEU A 23 -12.45 9.25 9.55
C LEU A 23 -12.22 8.51 8.24
N GLU A 24 -12.15 7.19 8.31
CA GLU A 24 -11.95 6.40 7.08
C GLU A 24 -13.12 6.56 6.11
N LYS A 25 -14.34 6.46 6.62
CA LYS A 25 -15.51 6.68 5.78
C LYS A 25 -15.43 8.06 5.10
N ASN A 26 -15.00 9.07 5.84
CA ASN A 26 -14.96 10.43 5.31
C ASN A 26 -13.78 10.69 4.39
N SER A 27 -12.87 9.73 4.31
CA SER A 27 -11.66 9.88 3.51
C SER A 27 -11.74 9.20 2.14
N VAL A 28 -12.85 8.51 1.88
CA VAL A 28 -13.08 7.87 0.58
C VAL A 28 -13.40 8.97 -0.45
N PRO A 29 -12.79 8.90 -1.65
CA PRO A 29 -11.80 7.95 -2.18
C PRO A 29 -10.43 8.11 -1.54
N LEU A 30 -9.84 7.01 -1.10
CA LEU A 30 -8.55 7.05 -0.41
C LEU A 30 -7.38 7.35 -1.34
N SER A 31 -6.49 8.23 -0.89
CA SER A 31 -5.24 8.48 -1.57
C SER A 31 -4.12 8.11 -0.62
N ASP A 32 -2.89 8.04 -1.12
CA ASP A 32 -1.72 7.85 -0.27
C ASP A 32 -1.71 8.84 0.91
N ALA A 33 -2.02 10.10 0.62
CA ALA A 33 -2.00 11.14 1.64
C ALA A 33 -3.04 10.88 2.71
N LEU A 34 -4.25 10.51 2.29
CA LEU A 34 -5.33 10.25 3.23
C LEU A 34 -5.06 8.97 4.02
N LEU A 35 -4.43 8.00 3.39
CA LEU A 35 -4.12 6.77 4.10
C LEU A 35 -3.07 7.02 5.16
N ASN A 36 -2.06 7.83 4.84
CA ASN A 36 -1.02 8.15 5.84
C ASN A 36 -1.63 8.88 7.03
N LYS A 37 -2.57 9.76 6.75
CA LYS A 37 -3.24 10.51 7.81
C LYS A 37 -4.06 9.56 8.69
N LEU A 38 -4.75 8.62 8.05
CA LEU A 38 -5.55 7.63 8.79
C LEU A 38 -4.67 6.74 9.68
N ILE A 39 -3.56 6.27 9.13
CA ILE A 39 -2.62 5.45 9.91
C ILE A 39 -2.04 6.26 11.08
N GLY A 40 -1.75 7.52 10.84
CA GLY A 40 -1.28 8.40 11.90
C GLY A 40 -2.31 8.52 13.04
N ARG A 41 -3.58 8.64 12.69
CA ARG A 41 -4.62 8.74 13.70
C ARG A 41 -4.79 7.45 14.49
N TYR A 42 -4.70 6.30 13.82
CA TYR A 42 -4.70 5.03 14.55
C TYR A 42 -3.57 4.97 15.55
N SER A 43 -2.39 5.47 15.18
CA SER A 43 -1.26 5.42 16.11
C SER A 43 -1.60 6.28 17.31
N GLN A 44 -2.30 7.38 17.08
CA GLN A 44 -2.66 8.28 18.18
C GLN A 44 -3.61 7.62 19.15
N ALA A 45 -4.52 6.79 18.63
CA ALA A 45 -5.40 6.00 19.49
C ALA A 45 -4.60 5.01 20.32
N ILE A 46 -3.64 4.34 19.69
CA ILE A 46 -2.82 3.36 20.42
C ILE A 46 -1.94 4.04 21.47
N GLU A 47 -1.50 5.26 21.22
CA GLU A 47 -0.73 6.01 22.22
C GLU A 47 -1.60 6.33 23.43
N ALA A 48 -2.91 6.40 23.21
CA ALA A 48 -3.84 6.86 24.26
C ALA A 48 -4.54 5.75 25.02
N LEU A 49 -4.34 4.50 24.61
CA LEU A 49 -5.08 3.38 25.22
C LEU A 49 -4.16 2.31 25.78
N PRO A 50 -3.96 2.32 27.12
CA PRO A 50 -3.09 1.31 27.75
C PRO A 50 -3.61 -0.11 27.52
N PRO A 51 -2.74 -1.00 27.03
CA PRO A 51 -3.23 -2.32 26.60
C PRO A 51 -3.64 -3.19 27.78
N ASP A 52 -3.03 -2.93 28.94
CA ASP A 52 -3.25 -3.72 30.15
C ASP A 52 -4.73 -3.90 30.53
N LYS A 53 -5.49 -2.82 30.54
CA LYS A 53 -6.89 -2.91 30.92
C LYS A 53 -7.82 -3.31 29.78
N TYR A 54 -7.29 -3.41 28.57
CA TYR A 54 -8.15 -3.62 27.40
C TYR A 54 -7.90 -4.94 26.69
N GLY A 55 -7.19 -5.87 27.33
CA GLY A 55 -6.88 -7.15 26.73
C GLY A 55 -8.08 -7.96 26.26
N GLN A 56 -9.23 -7.75 26.89
CA GLN A 56 -10.46 -8.44 26.48
C GLN A 56 -11.47 -7.52 25.83
N ASN A 57 -11.03 -6.33 25.46
CA ASN A 57 -11.92 -5.35 24.86
C ASN A 57 -11.93 -5.50 23.35
N GLU A 58 -13.10 -5.80 22.78
CA GLU A 58 -13.18 -6.14 21.36
C GLU A 58 -12.85 -4.93 20.48
N SER A 59 -13.24 -3.74 20.89
CA SER A 59 -12.93 -2.54 20.12
C SER A 59 -11.42 -2.26 20.10
N PHE A 60 -10.75 -2.51 21.22
CA PHE A 60 -9.32 -2.30 21.29
C PHE A 60 -8.61 -3.29 20.37
N ALA A 61 -9.15 -4.50 20.32
CA ALA A 61 -8.60 -5.53 19.45
C ALA A 61 -8.76 -5.07 17.99
N ARG A 62 -9.91 -4.49 17.68
CA ARG A 62 -10.15 -4.03 16.31
CA ARG A 62 -10.18 -4.01 16.32
C ARG A 62 -9.25 -2.87 15.95
N ILE A 63 -9.02 -1.95 16.89
CA ILE A 63 -8.11 -0.85 16.64
C ILE A 63 -6.73 -1.34 16.26
N GLN A 64 -6.21 -2.31 17.01
CA GLN A 64 -4.87 -2.81 16.76
C GLN A 64 -4.77 -3.59 15.46
N VAL A 65 -5.80 -4.38 15.16
CA VAL A 65 -5.81 -5.17 13.93
C VAL A 65 -5.93 -4.25 12.71
N ARG A 66 -6.78 -3.24 12.80
CA ARG A 66 -6.88 -2.25 11.72
C ARG A 66 -5.53 -1.57 11.49
N PHE A 67 -4.84 -1.21 12.58
CA PHE A 67 -3.54 -0.58 12.41
C PHE A 67 -2.59 -1.52 11.68
N ALA A 68 -2.54 -2.79 12.09
CA ALA A 68 -1.65 -3.76 11.43
C ALA A 68 -2.04 -3.94 9.97
N GLU A 69 -3.34 -4.06 9.70
CA GLU A 69 -3.81 -4.26 8.33
C GLU A 69 -3.48 -3.08 7.43
N LEU A 70 -3.63 -1.86 7.96
CA LEU A 70 -3.24 -0.67 7.21
C LEU A 70 -1.73 -0.61 6.98
N LYS A 71 -0.94 -0.99 7.99
CA LYS A 71 0.52 -1.02 7.83
C LYS A 71 0.91 -2.07 6.80
N ALA A 72 0.12 -3.13 6.69
CA ALA A 72 0.41 -4.18 5.71
C ALA A 72 0.26 -3.64 4.29
N ILE A 73 -0.59 -2.63 4.13
CA ILE A 73 -0.72 -1.92 2.85
C ILE A 73 0.44 -0.93 2.70
N GLN A 74 0.59 -0.06 3.69
CA GLN A 74 1.55 1.06 3.66
C GLN A 74 3.01 0.58 3.63
N GLU A 75 3.32 -0.48 4.38
CA GLU A 75 4.70 -1.01 4.50
C GLU A 75 4.75 -2.53 4.74
N PRO A 76 4.42 -3.36 3.73
CA PRO A 76 4.24 -4.79 4.02
C PRO A 76 5.48 -5.51 4.56
N ASP A 77 6.67 -5.05 4.21
CA ASP A 77 7.90 -5.68 4.69
C ASP A 77 8.21 -5.34 6.15
N ASP A 78 7.45 -4.42 6.72
CA ASP A 78 7.64 -3.98 8.10
C ASP A 78 6.43 -4.24 8.98
N ALA A 79 5.40 -4.86 8.44
CA ALA A 79 4.11 -4.91 9.15
C ALA A 79 3.96 -6.06 10.16
N ARG A 80 4.81 -7.09 10.05
CA ARG A 80 4.69 -8.27 10.90
C ARG A 80 4.60 -7.94 12.40
N ASP A 81 5.44 -7.02 12.88
CA ASP A 81 5.48 -6.75 14.32
C ASP A 81 4.16 -6.18 14.84
N TYR A 82 3.38 -5.53 13.96
CA TYR A 82 2.12 -4.95 14.40
C TYR A 82 1.05 -6.02 14.60
N PHE A 83 1.09 -7.07 13.78
CA PHE A 83 0.20 -8.21 13.99
C PHE A 83 0.60 -8.94 15.25
N GLN A 84 1.90 -9.07 15.48
CA GLN A 84 2.39 -9.69 16.71
C GLN A 84 1.94 -8.87 17.92
N MET A 85 1.95 -7.54 17.76
CA MET A 85 1.49 -6.66 18.81
C MET A 85 0.02 -6.91 19.16
N ALA A 86 -0.83 -6.96 18.15
CA ALA A 86 -2.25 -7.18 18.38
C ALA A 86 -2.50 -8.55 19.01
N ARG A 87 -1.75 -9.58 18.56
CA ARG A 87 -1.95 -10.91 19.11
C ARG A 87 -1.48 -10.97 20.57
N ALA A 88 -0.38 -10.28 20.88
CA ALA A 88 0.13 -10.28 22.25
C ALA A 88 -0.84 -9.58 23.19
N ASN A 89 -1.52 -8.54 22.69
CA ASN A 89 -2.37 -7.73 23.55
C ASN A 89 -3.81 -8.24 23.68
N CYS A 90 -4.30 -8.91 22.64
CA CYS A 90 -5.71 -9.28 22.57
C CYS A 90 -5.87 -10.73 22.14
N LYS A 91 -5.20 -11.61 22.87
CA LYS A 91 -5.03 -12.99 22.44
C LYS A 91 -6.33 -13.80 22.40
N LYS A 92 -7.39 -13.34 23.06
CA LYS A 92 -8.59 -14.20 23.17
C LYS A 92 -9.38 -14.24 21.88
N PHE A 93 -9.15 -13.27 21.01
CA PHE A 93 -10.01 -13.12 19.85
C PHE A 93 -9.48 -13.81 18.60
N ALA A 94 -10.24 -14.78 18.13
CA ALA A 94 -9.91 -15.50 16.90
C ALA A 94 -9.63 -14.55 15.73
N PHE A 95 -10.40 -13.47 15.61
CA PHE A 95 -10.20 -12.60 14.44
C PHE A 95 -8.80 -11.96 14.42
N VAL A 96 -8.19 -11.82 15.59
CA VAL A 96 -6.86 -11.23 15.68
C VAL A 96 -5.81 -12.20 15.10
N HIS A 97 -5.88 -13.46 15.53
CA HIS A 97 -4.99 -14.51 15.02
C HIS A 97 -5.17 -14.72 13.51
N ILE A 98 -6.41 -14.65 13.05
CA ILE A 98 -6.72 -14.86 11.64
C ILE A 98 -6.22 -13.70 10.78
N SER A 99 -6.34 -12.48 11.27
CA SER A 99 -5.72 -11.35 10.59
C SER A 99 -4.21 -11.55 10.40
N PHE A 100 -3.53 -12.03 11.45
CA PHE A 100 -2.09 -12.28 11.40
C PHE A 100 -1.85 -13.39 10.36
N ALA A 101 -2.65 -14.44 10.44
CA ALA A 101 -2.53 -15.57 9.50
C ALA A 101 -2.77 -15.15 8.06
N GLN A 102 -3.73 -14.26 7.85
CA GLN A 102 -4.01 -13.69 6.53
C GLN A 102 -2.83 -12.88 5.98
N PHE A 103 -2.19 -12.10 6.84
CA PHE A 103 -1.00 -11.37 6.45
C PHE A 103 0.11 -12.33 6.01
N GLU A 104 0.35 -13.37 6.81
CA GLU A 104 1.45 -14.28 6.49
C GLU A 104 1.17 -15.00 5.18
N LEU A 105 -0.07 -15.42 4.99
CA LEU A 105 -0.48 -16.05 3.75
C LEU A 105 -0.26 -15.13 2.54
N SER A 106 -0.69 -13.87 2.66
CA SER A 106 -0.53 -12.92 1.56
C SER A 106 0.94 -12.68 1.20
N GLN A 107 1.85 -12.92 2.14
CA GLN A 107 3.29 -12.80 1.91
C GLN A 107 3.90 -14.10 1.38
N GLY A 108 3.06 -15.10 1.13
CA GLY A 108 3.52 -16.39 0.65
C GLY A 108 3.98 -17.36 1.73
N ASN A 109 3.75 -16.99 2.99
CA ASN A 109 4.21 -17.80 4.11
C ASN A 109 3.14 -18.78 4.59
N VAL A 110 2.91 -19.80 3.78
CA VAL A 110 1.80 -20.72 3.99
C VAL A 110 1.92 -21.58 5.27
N LYS A 111 3.14 -22.02 5.58
CA LYS A 111 3.32 -22.83 6.79
C LYS A 111 3.15 -21.98 8.04
N LYS A 112 3.63 -20.75 7.99
CA LYS A 112 3.49 -19.83 9.12
C LYS A 112 2.02 -19.52 9.35
N SER A 113 1.28 -19.33 8.26
CA SER A 113 -0.14 -19.02 8.35
C SER A 113 -0.84 -20.17 9.08
N LYS A 114 -0.51 -21.39 8.71
CA LYS A 114 -1.11 -22.56 9.35
C LYS A 114 -0.71 -22.70 10.81
N GLN A 115 0.57 -22.48 11.10
CA GLN A 115 1.05 -22.52 12.48
C GLN A 115 0.24 -21.54 13.34
N LEU A 116 0.05 -20.32 12.85
CA LEU A 116 -0.65 -19.30 13.64
C LEU A 116 -2.08 -19.73 13.95
N LEU A 117 -2.76 -20.31 12.97
CA LEU A 117 -4.15 -20.72 13.16
C LEU A 117 -4.24 -21.89 14.12
N GLN A 118 -3.32 -22.84 14.01
CA GLN A 118 -3.28 -23.99 14.90
C GLN A 118 -2.99 -23.58 16.35
N LYS A 119 -2.07 -22.64 16.54
CA LYS A 119 -1.78 -22.14 17.87
C LYS A 119 -2.99 -21.44 18.49
N ALA A 120 -3.74 -20.70 17.68
CA ALA A 120 -4.97 -20.04 18.18
C ALA A 120 -5.97 -21.08 18.67
N VAL A 121 -6.15 -22.15 17.90
CA VAL A 121 -7.04 -23.24 18.32
C VAL A 121 -6.55 -23.87 19.60
N GLU A 122 -5.25 -24.18 19.66
CA GLU A 122 -4.67 -24.82 20.83
C GLU A 122 -4.82 -23.94 22.08
N ARG A 123 -4.78 -22.62 21.88
CA ARG A 123 -4.86 -21.68 23.00
C ARG A 123 -6.28 -21.23 23.31
N GLY A 124 -7.24 -21.73 22.54
CA GLY A 124 -8.65 -21.52 22.84
C GLY A 124 -9.14 -20.13 22.47
N ALA A 125 -8.59 -19.55 21.41
CA ALA A 125 -9.10 -18.27 20.92
C ALA A 125 -10.51 -18.47 20.38
N VAL A 126 -11.36 -17.45 20.52
CA VAL A 126 -12.78 -17.59 20.20
C VAL A 126 -13.31 -16.55 19.21
N PRO A 127 -14.35 -16.89 18.44
CA PRO A 127 -15.04 -18.20 18.43
C PRO A 127 -14.23 -19.24 17.64
N LEU A 128 -14.26 -20.48 18.10
CA LEU A 128 -13.54 -21.57 17.44
C LEU A 128 -13.95 -21.75 15.99
N GLU A 129 -15.24 -21.56 15.69
CA GLU A 129 -15.73 -21.81 14.34
C GLU A 129 -15.05 -20.96 13.27
N MET A 130 -14.68 -19.73 13.63
CA MET A 130 -13.97 -18.84 12.73
C MET A 130 -12.58 -19.39 12.39
N LEU A 131 -11.94 -19.97 13.40
CA LEU A 131 -10.64 -20.63 13.19
C LEU A 131 -10.78 -21.86 12.31
N GLU A 132 -11.83 -22.63 12.51
CA GLU A 132 -12.04 -23.85 11.72
C GLU A 132 -12.31 -23.51 10.25
N ILE A 133 -13.06 -22.45 10.02
CA ILE A 133 -13.29 -21.94 8.66
C ILE A 133 -11.98 -21.46 8.02
N ALA A 134 -11.18 -20.73 8.79
CA ALA A 134 -9.90 -20.26 8.27
C ALA A 134 -8.98 -21.44 7.91
N LEU A 135 -8.93 -22.45 8.78
CA LEU A 135 -8.10 -23.63 8.51
C LEU A 135 -8.58 -24.42 7.28
N ARG A 136 -9.90 -24.47 7.10
CA ARG A 136 -10.51 -25.14 5.95
C ARG A 136 -10.10 -24.45 4.66
N ASN A 137 -10.22 -23.13 4.65
CA ASN A 137 -9.90 -22.35 3.46
C ASN A 137 -8.41 -22.34 3.17
N LEU A 138 -7.59 -22.36 4.22
CA LEU A 138 -6.15 -22.47 4.02
C LEU A 138 -5.82 -23.81 3.38
N ASN A 139 -6.48 -24.86 3.83
CA ASN A 139 -6.19 -26.19 3.29
C ASN A 139 -6.66 -26.32 1.84
N LEU A 140 -7.70 -25.55 1.49
CA LEU A 140 -8.20 -25.50 0.12
C LEU A 140 -7.35 -24.55 -0.75
N GLN A 141 -6.37 -23.93 -0.11
CA GLN A 141 -5.47 -22.95 -0.77
C GLN A 141 -6.22 -21.76 -1.38
N LYS A 142 -7.24 -21.28 -0.67
CA LYS A 142 -7.90 -20.04 -1.07
C LYS A 142 -7.03 -18.84 -0.69
N LYS A 143 -7.29 -17.71 -1.35
CA LYS A 143 -6.47 -16.52 -1.12
C LYS A 143 -6.88 -15.81 0.16
N GLN A 144 -8.15 -15.94 0.53
CA GLN A 144 -8.68 -15.31 1.74
C GLN A 144 -9.13 -16.37 2.74
N LEU A 145 -8.61 -16.29 3.96
CA LEU A 145 -8.98 -17.23 5.02
C LEU A 145 -10.44 -17.10 5.41
N LEU A 146 -10.97 -15.88 5.35
CA LEU A 146 -12.38 -15.63 5.54
C LEU A 146 -12.89 -14.79 4.37
N SER A 147 -13.91 -15.28 3.68
CA SER A 147 -14.56 -14.50 2.64
C SER A 147 -15.17 -13.22 3.22
N GLU A 148 -15.42 -12.23 2.37
CA GLU A 148 -16.09 -11.01 2.81
C GLU A 148 -17.47 -11.32 3.39
N GLU A 149 -18.07 -12.41 2.88
CA GLU A 149 -19.40 -12.83 3.32
C GLU A 149 -19.37 -13.71 4.58
N GLU A 150 -18.20 -14.24 4.93
CA GLU A 150 -18.05 -15.04 6.15
C GLU A 150 -17.65 -14.15 7.33
N ALA B 10 -24.02 -1.23 -19.95
CA ALA B 10 -23.85 0.23 -20.03
C ALA B 10 -22.39 0.62 -20.08
N ASN B 11 -21.77 0.50 -21.25
CA ASN B 11 -20.34 0.81 -21.31
C ASN B 11 -20.00 2.25 -21.68
N ASN B 12 -20.04 3.09 -20.64
CA ASN B 12 -19.68 4.48 -20.75
C ASN B 12 -19.00 4.85 -19.44
N PRO B 13 -18.14 5.86 -19.47
CA PRO B 13 -17.34 6.18 -18.28
C PRO B 13 -18.21 6.62 -17.10
N GLU B 14 -19.35 7.26 -17.36
CA GLU B 14 -20.17 7.76 -16.24
C GLU B 14 -20.77 6.63 -15.40
N ASP B 15 -21.33 5.63 -16.06
CA ASP B 15 -21.88 4.49 -15.34
C ASP B 15 -20.78 3.70 -14.65
N TRP B 16 -19.63 3.60 -15.30
CA TRP B 16 -18.48 2.91 -14.69
C TRP B 16 -17.99 3.62 -13.44
N LEU B 17 -17.78 4.92 -13.54
CA LEU B 17 -17.31 5.70 -12.39
C LEU B 17 -18.31 5.56 -11.24
N SER B 18 -19.61 5.58 -11.55
CA SER B 18 -20.62 5.44 -10.51
CA SER B 18 -20.63 5.43 -10.52
C SER B 18 -20.48 4.13 -9.74
N LEU B 19 -20.32 3.04 -10.47
CA LEU B 19 -20.18 1.74 -9.80
C LEU B 19 -18.86 1.62 -9.07
N LEU B 20 -17.82 2.25 -9.61
CA LEU B 20 -16.50 2.20 -8.97
C LEU B 20 -16.47 2.99 -7.67
N LEU B 21 -17.10 4.16 -7.64
CA LEU B 21 -17.15 4.94 -6.41
C LEU B 21 -18.02 4.25 -5.37
N LYS B 22 -19.09 3.61 -5.81
CA LYS B 22 -19.90 2.82 -4.88
C LYS B 22 -19.09 1.67 -4.28
N LEU B 23 -18.31 1.00 -5.12
CA LEU B 23 -17.46 -0.08 -4.62
C LEU B 23 -16.44 0.44 -3.62
N GLU B 24 -15.89 1.63 -3.88
CA GLU B 24 -14.96 2.25 -2.93
C GLU B 24 -15.63 2.50 -1.59
N LYS B 25 -16.85 3.03 -1.62
CA LYS B 25 -17.58 3.30 -0.38
C LYS B 25 -17.83 2.04 0.40
N ASN B 26 -18.04 0.94 -0.33
CA ASN B 26 -18.30 -0.37 0.27
C ASN B 26 -17.05 -1.17 0.60
N SER B 27 -15.89 -0.56 0.41
CA SER B 27 -14.63 -1.21 0.72
C SER B 27 -13.99 -0.63 1.99
N VAL B 28 -14.82 -0.15 2.90
CA VAL B 28 -14.37 0.39 4.18
C VAL B 28 -14.76 -0.61 5.25
N PRO B 29 -13.84 -0.92 6.19
CA PRO B 29 -12.46 -0.42 6.30
C PRO B 29 -11.51 -1.14 5.34
N LEU B 30 -10.54 -0.40 4.81
CA LEU B 30 -9.63 -0.92 3.78
C LEU B 30 -8.65 -1.94 4.30
N SER B 31 -8.42 -2.98 3.50
CA SER B 31 -7.42 -3.99 3.77
C SER B 31 -6.73 -4.29 2.45
N ASP B 32 -5.61 -4.99 2.53
CA ASP B 32 -4.88 -5.38 1.32
C ASP B 32 -5.81 -6.10 0.35
N ALA B 33 -6.61 -7.04 0.86
CA ALA B 33 -7.56 -7.78 0.01
C ALA B 33 -8.59 -6.88 -0.69
N LEU B 34 -9.22 -5.99 0.06
CA LEU B 34 -10.21 -5.08 -0.52
C LEU B 34 -9.58 -4.10 -1.51
N LEU B 35 -8.35 -3.68 -1.23
CA LEU B 35 -7.64 -2.77 -2.12
C LEU B 35 -7.32 -3.46 -3.45
N ASN B 36 -6.87 -4.72 -3.37
CA ASN B 36 -6.61 -5.48 -4.59
C ASN B 36 -7.88 -5.66 -5.40
N LYS B 37 -9.00 -5.88 -4.71
CA LYS B 37 -10.26 -6.02 -5.39
C LYS B 37 -10.66 -4.74 -6.10
N LEU B 38 -10.49 -3.60 -5.42
CA LEU B 38 -10.82 -2.30 -6.00
C LEU B 38 -9.95 -2.02 -7.23
N ILE B 39 -8.64 -2.22 -7.09
CA ILE B 39 -7.72 -2.03 -8.21
C ILE B 39 -8.09 -2.92 -9.41
N GLY B 40 -8.48 -4.16 -9.14
CA GLY B 40 -8.90 -5.08 -10.19
C GLY B 40 -10.12 -4.55 -10.93
N ARG B 41 -11.09 -4.03 -10.18
CA ARG B 41 -12.30 -3.48 -10.80
C ARG B 41 -12.00 -2.24 -11.66
N TYR B 42 -11.11 -1.35 -11.20
CA TYR B 42 -10.72 -0.21 -12.04
C TYR B 42 -10.04 -0.68 -13.33
N SER B 43 -9.24 -1.73 -13.24
CA SER B 43 -8.58 -2.26 -14.44
C SER B 43 -9.61 -2.75 -15.45
N GLN B 44 -10.70 -3.32 -14.94
CA GLN B 44 -11.77 -3.79 -15.81
C GLN B 44 -12.48 -2.65 -16.54
N ALA B 45 -12.58 -1.50 -15.87
CA ALA B 45 -13.17 -0.33 -16.56
C ALA B 45 -12.20 0.16 -17.61
N ILE B 46 -10.91 0.10 -17.29
CA ILE B 46 -9.91 0.58 -18.25
C ILE B 46 -9.87 -0.36 -19.47
N GLU B 47 -10.05 -1.67 -19.26
CA GLU B 47 -10.15 -2.61 -20.38
C GLU B 47 -11.36 -2.33 -21.27
N ALA B 48 -12.39 -1.72 -20.69
CA ALA B 48 -13.67 -1.53 -21.40
C ALA B 48 -13.84 -0.18 -22.06
N LEU B 49 -12.94 0.76 -21.78
CA LEU B 49 -13.13 2.15 -22.21
C LEU B 49 -11.95 2.64 -23.04
N PRO B 50 -12.11 2.68 -24.38
CA PRO B 50 -11.03 3.06 -25.30
C PRO B 50 -10.66 4.53 -25.17
N PRO B 51 -9.37 4.84 -25.05
CA PRO B 51 -8.96 6.24 -24.90
C PRO B 51 -9.21 7.07 -26.15
N ASP B 52 -9.35 6.44 -27.31
CA ASP B 52 -9.61 7.20 -28.55
C ASP B 52 -11.01 7.81 -28.57
N LYS B 53 -11.89 7.26 -27.74
CA LYS B 53 -13.27 7.73 -27.68
C LYS B 53 -13.49 8.68 -26.50
N TYR B 54 -12.69 8.55 -25.46
CA TYR B 54 -12.98 9.22 -24.19
C TYR B 54 -11.92 10.19 -23.68
N GLY B 55 -11.02 10.64 -24.55
CA GLY B 55 -9.96 11.55 -24.14
C GLY B 55 -10.42 12.86 -23.52
N GLN B 56 -11.61 13.30 -23.89
CA GLN B 56 -12.15 14.54 -23.37
C GLN B 56 -13.15 14.28 -22.26
N ASN B 57 -13.36 13.01 -21.92
CA ASN B 57 -14.41 12.67 -20.96
C ASN B 57 -13.90 12.78 -19.51
N GLU B 58 -14.53 13.62 -18.69
CA GLU B 58 -14.01 13.87 -17.35
C GLU B 58 -14.13 12.65 -16.43
N SER B 59 -15.19 11.88 -16.59
CA SER B 59 -15.34 10.64 -15.80
C SER B 59 -14.28 9.60 -16.17
N PHE B 60 -13.97 9.51 -17.45
CA PHE B 60 -12.88 8.63 -17.89
C PHE B 60 -11.54 9.09 -17.29
N ALA B 61 -11.31 10.40 -17.25
CA ALA B 61 -10.10 10.94 -16.62
C ALA B 61 -10.05 10.56 -15.13
N ARG B 62 -11.19 10.65 -14.47
CA ARG B 62 -11.26 10.27 -13.06
C ARG B 62 -10.96 8.79 -12.87
N ILE B 63 -11.42 7.96 -13.79
CA ILE B 63 -11.15 6.51 -13.66
C ILE B 63 -9.65 6.23 -13.77
N GLN B 64 -9.01 6.85 -14.76
CA GLN B 64 -7.59 6.63 -14.98
C GLN B 64 -6.75 7.15 -13.81
N VAL B 65 -7.11 8.31 -13.29
CA VAL B 65 -6.40 8.88 -12.15
C VAL B 65 -6.59 8.04 -10.88
N ARG B 66 -7.82 7.60 -10.61
CA ARG B 66 -8.03 6.75 -9.42
C ARG B 66 -7.22 5.47 -9.52
N PHE B 67 -7.09 4.90 -10.73
CA PHE B 67 -6.31 3.66 -10.87
C PHE B 67 -4.85 3.92 -10.53
N ALA B 68 -4.29 4.99 -11.09
CA ALA B 68 -2.92 5.39 -10.79
C ALA B 68 -2.73 5.67 -9.31
N GLU B 69 -3.67 6.40 -8.70
CA GLU B 69 -3.57 6.74 -7.28
C GLU B 69 -3.64 5.52 -6.38
N LEU B 70 -4.47 4.55 -6.75
CA LEU B 70 -4.56 3.33 -5.97
C LEU B 70 -3.28 2.50 -6.13
N LYS B 71 -2.72 2.47 -7.34
CA LYS B 71 -1.47 1.74 -7.55
C LYS B 71 -0.31 2.38 -6.79
N ALA B 72 -0.37 3.70 -6.64
CA ALA B 72 0.64 4.43 -5.87
C ALA B 72 0.60 4.07 -4.38
N ILE B 73 -0.60 3.84 -3.85
CA ILE B 73 -0.76 3.37 -2.46
C ILE B 73 -0.12 1.99 -2.33
N GLN B 74 -0.52 1.09 -3.24
CA GLN B 74 -0.16 -0.31 -3.19
C GLN B 74 1.34 -0.55 -3.43
N GLU B 75 1.87 0.02 -4.52
CA GLU B 75 3.31 -0.03 -4.80
C GLU B 75 3.82 1.19 -5.55
N PRO B 76 4.24 2.23 -4.80
CA PRO B 76 4.67 3.51 -5.35
C PRO B 76 5.86 3.36 -6.30
N ASP B 77 6.70 2.37 -6.07
CA ASP B 77 7.89 2.19 -6.90
C ASP B 77 7.58 1.74 -8.34
N ASP B 78 6.36 1.23 -8.57
CA ASP B 78 5.93 0.82 -9.90
C ASP B 78 4.77 1.67 -10.46
N ALA B 79 4.35 2.69 -9.74
CA ALA B 79 3.13 3.44 -10.10
C ALA B 79 3.29 4.47 -11.20
N ARG B 80 4.52 4.89 -11.49
CA ARG B 80 4.75 6.02 -12.37
C ARG B 80 4.13 5.85 -13.76
N ASP B 81 4.22 4.63 -14.29
CA ASP B 81 3.70 4.34 -15.63
C ASP B 81 2.20 4.61 -15.76
N TYR B 82 1.47 4.47 -14.65
CA TYR B 82 0.03 4.66 -14.69
C TYR B 82 -0.36 6.14 -14.64
N PHE B 83 0.45 6.96 -13.98
CA PHE B 83 0.27 8.40 -14.06
C PHE B 83 0.63 8.91 -15.47
N GLN B 84 1.65 8.32 -16.08
CA GLN B 84 2.01 8.68 -17.46
C GLN B 84 0.88 8.29 -18.42
N MET B 85 0.27 7.14 -18.17
CA MET B 85 -0.87 6.68 -18.96
C MET B 85 -2.05 7.65 -18.86
N ALA B 86 -2.42 7.97 -17.63
CA ALA B 86 -3.51 8.90 -17.42
C ALA B 86 -3.24 10.27 -18.06
N ARG B 87 -2.03 10.78 -17.96
CA ARG B 87 -1.74 12.08 -18.56
C ARG B 87 -1.77 12.02 -20.09
N ALA B 88 -1.26 10.95 -20.66
CA ALA B 88 -1.28 10.77 -22.11
C ALA B 88 -2.72 10.71 -22.63
N ASN B 89 -3.59 10.05 -21.89
CA ASN B 89 -4.96 9.83 -22.36
C ASN B 89 -5.92 10.98 -22.07
N CYS B 90 -5.63 11.75 -21.03
CA CYS B 90 -6.58 12.72 -20.48
C CYS B 90 -5.95 14.08 -20.23
N LYS B 91 -5.06 14.49 -21.13
CA LYS B 91 -4.20 15.65 -20.89
C LYS B 91 -4.92 17.00 -20.74
N LYS B 92 -6.19 17.09 -21.17
CA LYS B 92 -6.84 18.40 -21.08
C LYS B 92 -7.12 18.81 -19.63
N PHE B 93 -7.17 17.83 -18.72
CA PHE B 93 -7.66 18.10 -17.37
C PHE B 93 -6.54 18.37 -16.38
N ALA B 94 -6.58 19.55 -15.78
CA ALA B 94 -5.56 19.95 -14.81
C ALA B 94 -5.40 18.92 -13.70
N PHE B 95 -6.50 18.33 -13.25
CA PHE B 95 -6.41 17.45 -12.07
C PHE B 95 -5.60 16.20 -12.35
N VAL B 96 -5.57 15.79 -13.61
CA VAL B 96 -4.75 14.64 -14.01
C VAL B 96 -3.27 14.97 -13.82
N HIS B 97 -2.86 16.15 -14.29
CA HIS B 97 -1.47 16.59 -14.16
C HIS B 97 -1.11 16.80 -12.69
N ILE B 98 -2.04 17.36 -11.93
CA ILE B 98 -1.79 17.62 -10.50
C ILE B 98 -1.67 16.31 -9.71
N SER B 99 -2.45 15.30 -10.08
CA SER B 99 -2.30 13.99 -9.45
C SER B 99 -0.90 13.40 -9.68
N PHE B 100 -0.42 13.49 -10.92
CA PHE B 100 0.93 13.05 -11.28
C PHE B 100 1.95 13.85 -10.48
N ALA B 101 1.77 15.17 -10.44
CA ALA B 101 2.70 16.02 -9.69
C ALA B 101 2.69 15.65 -8.21
N GLN B 102 1.52 15.30 -7.69
CA GLN B 102 1.38 14.90 -6.28
C GLN B 102 2.17 13.61 -6.01
N PHE B 103 2.03 12.64 -6.90
CA PHE B 103 2.77 11.39 -6.79
C PHE B 103 4.28 11.66 -6.72
N GLU B 104 4.79 12.44 -7.67
CA GLU B 104 6.22 12.72 -7.73
C GLU B 104 6.66 13.44 -6.48
N LEU B 105 5.82 14.37 -6.00
CA LEU B 105 6.10 15.06 -4.75
C LEU B 105 6.21 14.09 -3.57
N SER B 106 5.29 13.13 -3.51
CA SER B 106 5.27 12.16 -2.42
C SER B 106 6.50 11.26 -2.44
N GLN B 107 7.14 11.15 -3.61
CA GLN B 107 8.34 10.32 -3.76
C GLN B 107 9.62 11.14 -3.51
N GLY B 108 9.44 12.41 -3.15
CA GLY B 108 10.57 13.28 -2.90
C GLY B 108 11.09 13.99 -4.15
N ASN B 109 10.35 13.89 -5.24
CA ASN B 109 10.80 14.46 -6.50
C ASN B 109 10.17 15.82 -6.73
N VAL B 110 10.64 16.81 -5.96
CA VAL B 110 10.08 18.15 -5.96
C VAL B 110 10.24 18.89 -7.29
N LYS B 111 11.42 18.81 -7.89
CA LYS B 111 11.66 19.48 -9.17
C LYS B 111 10.77 18.92 -10.26
N LYS B 112 10.66 17.59 -10.31
CA LYS B 112 9.79 16.92 -11.26
C LYS B 112 8.33 17.35 -11.08
N SER B 113 7.91 17.43 -9.83
CA SER B 113 6.55 17.86 -9.51
C SER B 113 6.30 19.24 -10.09
N LYS B 114 7.26 20.14 -9.91
CA LYS B 114 7.14 21.50 -10.43
C LYS B 114 7.12 21.54 -11.95
N GLN B 115 7.97 20.74 -12.58
CA GLN B 115 8.04 20.66 -14.03
C GLN B 115 6.70 20.17 -14.61
N LEU B 116 6.11 19.16 -13.98
CA LEU B 116 4.80 18.64 -14.41
C LEU B 116 3.72 19.71 -14.36
N LEU B 117 3.67 20.44 -13.24
CA LEU B 117 2.70 21.52 -13.10
C LEU B 117 2.90 22.61 -14.15
N GLN B 118 4.16 22.97 -14.41
CA GLN B 118 4.46 24.03 -15.36
C GLN B 118 4.22 23.61 -16.81
N LYS B 119 4.50 22.34 -17.12
CA LYS B 119 4.16 21.80 -18.43
C LYS B 119 2.65 21.84 -18.63
N ALA B 120 1.89 21.53 -17.58
CA ALA B 120 0.44 21.55 -17.65
C ALA B 120 -0.07 22.97 -17.95
N VAL B 121 0.52 23.97 -17.30
CA VAL B 121 0.15 25.35 -17.57
C VAL B 121 0.44 25.71 -19.02
N GLU B 122 1.60 25.27 -19.50
CA GLU B 122 2.03 25.64 -20.85
C GLU B 122 1.16 25.01 -21.93
N ARG B 123 0.70 23.78 -21.67
CA ARG B 123 -0.12 23.05 -22.61
C ARG B 123 -1.60 23.42 -22.49
N GLY B 124 -1.94 24.26 -21.53
CA GLY B 124 -3.30 24.75 -21.39
C GLY B 124 -4.29 23.79 -20.74
N ALA B 125 -3.81 22.98 -19.80
CA ALA B 125 -4.71 22.11 -19.04
C ALA B 125 -5.64 22.95 -18.19
N VAL B 126 -6.89 22.51 -18.02
CA VAL B 126 -7.91 23.33 -17.35
C VAL B 126 -8.58 22.62 -16.16
N PRO B 127 -9.05 23.38 -15.18
CA PRO B 127 -8.99 24.86 -15.09
C PRO B 127 -7.62 25.37 -14.64
N LEU B 128 -7.23 26.51 -15.18
CA LEU B 128 -5.93 27.08 -14.86
C LEU B 128 -5.77 27.38 -13.38
N GLU B 129 -6.84 27.82 -12.72
CA GLU B 129 -6.79 28.18 -11.30
CA GLU B 129 -6.75 28.20 -11.30
C GLU B 129 -6.26 27.04 -10.45
N MET B 130 -6.71 25.83 -10.76
CA MET B 130 -6.28 24.66 -10.00
C MET B 130 -4.76 24.47 -10.07
N LEU B 131 -4.18 24.69 -11.25
CA LEU B 131 -2.74 24.56 -11.43
C LEU B 131 -2.00 25.68 -10.72
N GLU B 132 -2.60 26.86 -10.68
CA GLU B 132 -1.98 27.98 -9.98
C GLU B 132 -1.92 27.74 -8.48
N ILE B 133 -2.98 27.18 -7.93
CA ILE B 133 -3.05 26.85 -6.51
C ILE B 133 -2.00 25.79 -6.19
N ALA B 134 -1.91 24.77 -7.04
CA ALA B 134 -0.93 23.68 -6.84
C ALA B 134 0.50 24.19 -6.82
N LEU B 135 0.85 25.07 -7.75
CA LEU B 135 2.17 25.68 -7.83
C LEU B 135 2.53 26.53 -6.59
N ARG B 136 1.60 27.39 -6.18
CA ARG B 136 1.79 28.21 -4.98
C ARG B 136 2.09 27.34 -3.76
N ASN B 137 1.29 26.30 -3.57
CA ASN B 137 1.47 25.38 -2.45
C ASN B 137 2.80 24.66 -2.51
N LEU B 138 3.23 24.32 -3.72
CA LEU B 138 4.53 23.70 -3.91
C LEU B 138 5.62 24.68 -3.49
N ASN B 139 5.48 25.93 -3.93
CA ASN B 139 6.44 26.99 -3.63
C ASN B 139 6.42 27.37 -2.15
N LEU B 140 5.35 26.98 -1.46
CA LEU B 140 5.27 27.16 -0.01
C LEU B 140 5.86 25.94 0.68
N GLN B 141 6.42 25.04 -0.12
CA GLN B 141 6.98 23.78 0.38
C GLN B 141 5.97 22.98 1.22
N LYS B 142 4.70 23.07 0.84
CA LYS B 142 3.65 22.26 1.46
C LYS B 142 3.77 20.82 0.98
N LYS B 143 3.08 19.93 1.68
CA LYS B 143 3.13 18.50 1.42
C LYS B 143 2.08 18.09 0.40
N GLN B 144 0.93 18.76 0.46
CA GLN B 144 -0.17 18.50 -0.46
CA GLN B 144 -0.18 18.50 -0.46
C GLN B 144 -0.37 19.65 -1.43
N LEU B 145 -0.38 19.34 -2.73
CA LEU B 145 -0.55 20.37 -3.76
C LEU B 145 -1.95 20.98 -3.68
N LEU B 146 -2.95 20.13 -3.43
CA LEU B 146 -4.30 20.60 -3.12
C LEU B 146 -4.78 19.97 -1.81
N SER B 147 -5.42 20.78 -0.97
CA SER B 147 -6.12 20.28 0.20
C SER B 147 -7.54 19.90 -0.18
N GLU B 148 -8.46 19.94 0.78
CA GLU B 148 -9.87 19.77 0.48
C GLU B 148 -10.66 21.00 0.91
N ALA C 10 -18.56 -22.80 -16.86
CA ALA C 10 -18.40 -22.11 -15.57
C ALA C 10 -17.56 -20.85 -15.71
N ASN C 11 -17.66 -19.96 -14.73
CA ASN C 11 -16.95 -18.67 -14.79
C ASN C 11 -15.53 -18.72 -14.22
N ASN C 12 -14.61 -19.31 -14.98
CA ASN C 12 -13.23 -19.41 -14.54
C ASN C 12 -12.33 -19.23 -15.76
N PRO C 13 -11.06 -18.88 -15.55
CA PRO C 13 -10.23 -18.53 -16.71
C PRO C 13 -9.99 -19.71 -17.65
N GLU C 14 -9.91 -20.92 -17.11
CA GLU C 14 -9.64 -22.09 -17.94
C GLU C 14 -10.79 -22.38 -18.93
N ASP C 15 -12.01 -22.39 -18.41
CA ASP C 15 -13.18 -22.57 -19.27
C ASP C 15 -13.35 -21.43 -20.28
N TRP C 16 -13.14 -20.19 -19.85
CA TRP C 16 -13.16 -19.06 -20.78
C TRP C 16 -12.09 -19.18 -21.87
N LEU C 17 -10.85 -19.46 -21.46
CA LEU C 17 -9.75 -19.55 -22.44
C LEU C 17 -10.04 -20.63 -23.51
N SER C 18 -10.56 -21.76 -23.07
CA SER C 18 -10.87 -22.85 -23.99
CA SER C 18 -10.88 -22.86 -23.98
C SER C 18 -11.86 -22.39 -25.05
N LEU C 19 -12.90 -21.68 -24.60
CA LEU C 19 -13.92 -21.12 -25.48
C LEU C 19 -13.30 -20.12 -26.46
N LEU C 20 -12.49 -19.21 -25.94
CA LEU C 20 -11.90 -18.15 -26.77
C LEU C 20 -10.88 -18.69 -27.76
N LEU C 21 -10.17 -19.74 -27.39
CA LEU C 21 -9.19 -20.34 -28.30
C LEU C 21 -9.93 -20.97 -29.47
N LYS C 22 -11.02 -21.66 -29.18
CA LYS C 22 -11.84 -22.26 -30.23
C LYS C 22 -12.41 -21.20 -31.16
N LEU C 23 -12.95 -20.13 -30.59
CA LEU C 23 -13.53 -19.05 -31.39
C LEU C 23 -12.51 -18.45 -32.35
N GLU C 24 -11.30 -18.21 -31.88
CA GLU C 24 -10.26 -17.68 -32.73
C GLU C 24 -9.90 -18.68 -33.83
N LYS C 25 -9.93 -19.97 -33.48
CA LYS C 25 -9.61 -21.01 -34.46
C LYS C 25 -10.69 -21.07 -35.55
N ASN C 26 -11.93 -20.74 -35.18
CA ASN C 26 -13.04 -20.72 -36.13
C ASN C 26 -13.34 -19.31 -36.63
N SER C 27 -12.30 -18.48 -36.68
CA SER C 27 -12.42 -17.12 -37.20
C SER C 27 -11.21 -16.85 -38.08
N VAL C 28 -10.83 -17.88 -38.83
CA VAL C 28 -9.79 -17.77 -39.85
C VAL C 28 -10.42 -17.94 -41.23
N PRO C 29 -10.05 -17.06 -42.18
CA PRO C 29 -9.22 -15.87 -41.94
C PRO C 29 -9.99 -14.75 -41.24
N LEU C 30 -9.27 -13.92 -40.49
CA LEU C 30 -9.91 -12.84 -39.72
C LEU C 30 -10.36 -11.66 -40.58
N SER C 31 -11.67 -11.46 -40.64
CA SER C 31 -12.22 -10.24 -41.22
C SER C 31 -12.27 -9.17 -40.13
N ASP C 32 -12.60 -7.94 -40.50
CA ASP C 32 -12.82 -6.89 -39.51
C ASP C 32 -13.98 -7.27 -38.62
N ALA C 33 -14.97 -7.93 -39.21
CA ALA C 33 -16.16 -8.37 -38.48
C ALA C 33 -15.84 -9.51 -37.52
N LEU C 34 -15.04 -10.46 -37.99
CA LEU C 34 -14.62 -11.61 -37.19
C LEU C 34 -13.70 -11.20 -36.04
N LEU C 35 -12.80 -10.26 -36.31
CA LEU C 35 -11.90 -9.73 -35.29
C LEU C 35 -12.69 -9.01 -34.21
N ASN C 36 -13.69 -8.23 -34.62
CA ASN C 36 -14.53 -7.51 -33.67
C ASN C 36 -15.39 -8.40 -32.80
N LYS C 37 -15.88 -9.51 -33.36
CA LYS C 37 -16.66 -10.46 -32.56
C LYS C 37 -15.77 -11.17 -31.55
N LEU C 38 -14.55 -11.50 -31.99
CA LEU C 38 -13.58 -12.17 -31.12
C LEU C 38 -13.19 -11.26 -29.95
N ILE C 39 -12.87 -10.01 -30.26
CA ILE C 39 -12.55 -9.02 -29.24
C ILE C 39 -13.70 -8.87 -28.24
N GLY C 40 -14.93 -8.78 -28.76
CA GLY C 40 -16.11 -8.68 -27.93
C GLY C 40 -16.25 -9.86 -26.98
N ARG C 41 -15.87 -11.06 -27.43
CA ARG C 41 -15.94 -12.23 -26.58
C ARG C 41 -14.86 -12.18 -25.50
N TYR C 42 -13.67 -11.73 -25.86
CA TYR C 42 -12.61 -11.51 -24.88
C TYR C 42 -13.06 -10.47 -23.84
N SER C 43 -13.75 -9.43 -24.29
CA SER C 43 -14.22 -8.41 -23.36
C SER C 43 -15.18 -8.98 -22.33
N GLN C 44 -16.02 -9.92 -22.75
CA GLN C 44 -16.97 -10.55 -21.84
C GLN C 44 -16.24 -11.37 -20.79
N ALA C 45 -15.21 -12.09 -21.23
CA ALA C 45 -14.38 -12.85 -20.29
C ALA C 45 -13.71 -11.92 -19.29
N ILE C 46 -13.13 -10.83 -19.80
CA ILE C 46 -12.40 -9.91 -18.92
C ILE C 46 -13.34 -9.26 -17.91
N GLU C 47 -14.60 -9.02 -18.30
CA GLU C 47 -15.57 -8.42 -17.38
C GLU C 47 -16.06 -9.43 -16.34
N ALA C 48 -16.00 -10.71 -16.68
CA ALA C 48 -16.49 -11.78 -15.80
C ALA C 48 -15.48 -12.27 -14.79
N LEU C 49 -14.20 -11.98 -15.02
CA LEU C 49 -13.12 -12.60 -14.24
C LEU C 49 -12.39 -11.56 -13.41
N PRO C 50 -12.69 -11.52 -12.10
CA PRO C 50 -12.10 -10.48 -11.26
C PRO C 50 -10.60 -10.66 -11.16
N PRO C 51 -9.84 -9.60 -11.49
CA PRO C 51 -8.37 -9.77 -11.49
C PRO C 51 -7.75 -10.08 -10.14
N ASP C 52 -8.36 -9.66 -9.03
CA ASP C 52 -7.75 -9.91 -7.73
C ASP C 52 -7.76 -11.40 -7.38
N LYS C 53 -8.67 -12.15 -7.98
CA LYS C 53 -8.74 -13.60 -7.75
C LYS C 53 -7.74 -14.36 -8.62
N TYR C 54 -7.40 -13.78 -9.76
CA TYR C 54 -6.74 -14.53 -10.81
C TYR C 54 -5.36 -14.02 -11.24
N GLY C 55 -4.76 -13.15 -10.44
CA GLY C 55 -3.45 -12.60 -10.74
C GLY C 55 -2.36 -13.63 -10.99
N GLN C 56 -2.47 -14.78 -10.36
CA GLN C 56 -1.45 -15.81 -10.53
C GLN C 56 -1.90 -16.94 -11.42
N ASN C 57 -3.03 -16.75 -12.09
CA ASN C 57 -3.60 -17.80 -12.93
C ASN C 57 -3.10 -17.63 -14.36
N GLU C 58 -2.45 -18.68 -14.89
CA GLU C 58 -1.82 -18.57 -16.19
C GLU C 58 -2.83 -18.42 -17.30
N SER C 59 -3.98 -19.09 -17.18
CA SER C 59 -5.00 -18.94 -18.23
C SER C 59 -5.58 -17.53 -18.27
N PHE C 60 -5.72 -16.93 -17.10
CA PHE C 60 -6.20 -15.54 -17.02
C PHE C 60 -5.18 -14.61 -17.67
N ALA C 61 -3.89 -14.85 -17.42
CA ALA C 61 -2.86 -14.07 -18.08
C ALA C 61 -2.92 -14.20 -19.61
N ARG C 62 -3.19 -15.41 -20.11
CA ARG C 62 -3.32 -15.59 -21.57
C ARG C 62 -4.51 -14.82 -22.13
N ILE C 63 -5.60 -14.76 -21.38
CA ILE C 63 -6.77 -13.98 -21.80
C ILE C 63 -6.43 -12.50 -21.84
N GLN C 64 -5.80 -11.99 -20.79
CA GLN C 64 -5.46 -10.55 -20.73
C GLN C 64 -4.49 -10.15 -21.82
N VAL C 65 -3.50 -10.99 -22.06
CA VAL C 65 -2.51 -10.72 -23.07
C VAL C 65 -3.09 -10.81 -24.49
N ARG C 66 -3.84 -11.86 -24.77
CA ARG C 66 -4.38 -12.00 -26.13
C ARG C 66 -5.38 -10.89 -26.46
N PHE C 67 -6.13 -10.43 -25.48
CA PHE C 67 -7.05 -9.31 -25.70
C PHE C 67 -6.28 -8.08 -26.16
N ALA C 68 -5.17 -7.80 -25.48
CA ALA C 68 -4.33 -6.65 -25.83
C ALA C 68 -3.74 -6.83 -27.23
N GLU C 69 -3.30 -8.04 -27.54
CA GLU C 69 -2.74 -8.30 -28.86
C GLU C 69 -3.78 -8.09 -29.96
N LEU C 70 -5.00 -8.57 -29.74
CA LEU C 70 -6.10 -8.37 -30.68
C LEU C 70 -6.49 -6.90 -30.84
N LYS C 71 -6.47 -6.13 -29.75
CA LYS C 71 -6.73 -4.69 -29.82
C LYS C 71 -5.64 -3.98 -30.62
N ALA C 72 -4.40 -4.47 -30.51
CA ALA C 72 -3.28 -3.87 -31.22
C ALA C 72 -3.34 -4.16 -32.71
N ILE C 73 -3.86 -5.34 -33.06
CA ILE C 73 -4.13 -5.66 -34.47
C ILE C 73 -5.19 -4.72 -35.03
N GLN C 74 -6.24 -4.48 -34.24
CA GLN C 74 -7.37 -3.63 -34.62
C GLN C 74 -7.02 -2.14 -34.75
N GLU C 75 -6.29 -1.63 -33.77
CA GLU C 75 -5.82 -0.23 -33.78
C GLU C 75 -4.60 -0.09 -32.87
N PRO C 76 -3.40 -0.21 -33.45
CA PRO C 76 -2.18 -0.17 -32.64
C PRO C 76 -1.94 1.16 -31.95
N ASP C 77 -2.39 2.27 -32.53
CA ASP C 77 -2.17 3.58 -31.93
C ASP C 77 -2.94 3.79 -30.63
N ASP C 78 -3.90 2.92 -30.36
CA ASP C 78 -4.74 3.11 -29.18
C ASP C 78 -4.76 1.90 -28.26
N ALA C 79 -3.80 0.99 -28.44
CA ALA C 79 -3.82 -0.28 -27.69
C ALA C 79 -3.00 -0.32 -26.42
N ARG C 80 -2.20 0.71 -26.14
CA ARG C 80 -1.25 0.61 -25.02
C ARG C 80 -1.90 0.37 -23.64
N ASP C 81 -3.10 0.89 -23.41
CA ASP C 81 -3.78 0.69 -22.11
C ASP C 81 -3.98 -0.79 -21.79
N TYR C 82 -4.24 -1.59 -22.81
CA TYR C 82 -4.64 -2.99 -22.60
C TYR C 82 -3.44 -3.83 -22.20
N PHE C 83 -2.27 -3.45 -22.70
CA PHE C 83 -1.02 -4.06 -22.26
C PHE C 83 -0.66 -3.60 -20.86
N GLN C 84 -0.90 -2.32 -20.56
CA GLN C 84 -0.68 -1.81 -19.22
C GLN C 84 -1.51 -2.60 -18.22
N MET C 85 -2.77 -2.86 -18.55
CA MET C 85 -3.63 -3.60 -17.62
C MET C 85 -3.17 -5.06 -17.47
N ALA C 86 -2.77 -5.68 -18.58
CA ALA C 86 -2.31 -7.07 -18.51
C ALA C 86 -1.09 -7.17 -17.62
N ARG C 87 -0.15 -6.24 -17.76
CA ARG C 87 1.02 -6.24 -16.90
C ARG C 87 0.67 -5.92 -15.45
N ALA C 88 -0.27 -5.01 -15.24
CA ALA C 88 -0.71 -4.67 -13.90
C ALA C 88 -1.34 -5.87 -13.21
N ASN C 89 -2.15 -6.63 -13.95
CA ASN C 89 -2.93 -7.72 -13.37
C ASN C 89 -2.21 -9.06 -13.27
N CYS C 90 -1.18 -9.24 -14.09
CA CYS C 90 -0.58 -10.56 -14.29
C CYS C 90 0.94 -10.49 -14.27
N LYS C 91 1.46 -9.69 -13.36
CA LYS C 91 2.87 -9.31 -13.39
C LYS C 91 3.84 -10.48 -13.23
N LYS C 92 3.38 -11.60 -12.68
CA LYS C 92 4.34 -12.69 -12.41
C LYS C 92 4.86 -13.36 -13.68
N PHE C 93 4.11 -13.23 -14.77
CA PHE C 93 4.45 -14.03 -15.95
C PHE C 93 5.31 -13.29 -16.95
N ALA C 94 6.49 -13.85 -17.23
CA ALA C 94 7.39 -13.27 -18.22
C ALA C 94 6.70 -12.98 -19.55
N PHE C 95 5.81 -13.87 -19.99
CA PHE C 95 5.27 -13.72 -21.34
C PHE C 95 4.35 -12.52 -21.44
N VAL C 96 3.80 -12.10 -20.33
CA VAL C 96 2.98 -10.89 -20.29
C VAL C 96 3.85 -9.66 -20.57
N HIS C 97 5.01 -9.60 -19.93
CA HIS C 97 5.94 -8.49 -20.12
C HIS C 97 6.52 -8.49 -21.51
N ILE C 98 6.82 -9.68 -22.02
CA ILE C 98 7.35 -9.81 -23.38
C ILE C 98 6.33 -9.38 -24.43
N SER C 99 5.07 -9.73 -24.23
CA SER C 99 4.00 -9.31 -25.15
C SER C 99 3.95 -7.79 -25.24
N PHE C 100 4.10 -7.13 -24.10
CA PHE C 100 4.08 -5.66 -24.03
C PHE C 100 5.32 -5.12 -24.72
N ALA C 101 6.49 -5.68 -24.41
CA ALA C 101 7.71 -5.27 -25.09
C ALA C 101 7.63 -5.50 -26.60
N GLN C 102 6.96 -6.58 -27.02
CA GLN C 102 6.78 -6.85 -28.45
C GLN C 102 5.90 -5.80 -29.10
N PHE C 103 4.88 -5.35 -28.37
CA PHE C 103 4.01 -4.30 -28.88
C PHE C 103 4.81 -3.03 -29.09
N GLU C 104 5.57 -2.63 -28.08
CA GLU C 104 6.36 -1.40 -28.17
C GLU C 104 7.39 -1.51 -29.28
N LEU C 105 7.99 -2.69 -29.42
CA LEU C 105 8.94 -2.93 -30.51
C LEU C 105 8.33 -2.69 -31.89
N SER C 106 7.17 -3.29 -32.13
CA SER C 106 6.52 -3.21 -33.43
C SER C 106 6.02 -1.80 -33.74
N GLN C 107 5.96 -0.95 -32.70
CA GLN C 107 5.62 0.46 -32.88
C GLN C 107 6.89 1.29 -33.08
N GLY C 108 8.04 0.62 -33.03
CA GLY C 108 9.32 1.28 -33.22
C GLY C 108 9.91 1.85 -31.95
N ASN C 109 9.26 1.61 -30.82
CA ASN C 109 9.78 2.09 -29.54
C ASN C 109 10.75 1.07 -28.94
N VAL C 110 12.00 1.14 -29.37
CA VAL C 110 13.00 0.14 -29.03
C VAL C 110 13.52 0.27 -27.59
N LYS C 111 13.74 1.50 -27.13
CA LYS C 111 14.17 1.72 -25.76
C LYS C 111 13.11 1.28 -24.77
N LYS C 112 11.85 1.61 -25.06
CA LYS C 112 10.75 1.19 -24.20
C LYS C 112 10.65 -0.34 -24.15
N SER C 113 10.75 -0.99 -25.31
CA SER C 113 10.74 -2.44 -25.40
C SER C 113 11.80 -3.02 -24.46
N LYS C 114 13.01 -2.47 -24.54
CA LYS C 114 14.12 -2.92 -23.70
C LYS C 114 13.89 -2.61 -22.22
N GLN C 115 13.34 -1.44 -21.92
CA GLN C 115 13.11 -1.06 -20.52
C GLN C 115 12.07 -1.97 -19.86
N LEU C 116 11.12 -2.45 -20.66
CA LEU C 116 10.07 -3.32 -20.16
C LEU C 116 10.67 -4.66 -19.77
N LEU C 117 11.47 -5.22 -20.67
CA LEU C 117 12.16 -6.49 -20.43
C LEU C 117 13.07 -6.39 -19.20
N GLN C 118 13.84 -5.31 -19.10
CA GLN C 118 14.76 -5.16 -17.97
C GLN C 118 14.02 -5.01 -16.65
N LYS C 119 12.89 -4.31 -16.67
CA LYS C 119 12.08 -4.18 -15.47
C LYS C 119 11.52 -5.54 -15.05
N ALA C 120 11.10 -6.34 -16.02
CA ALA C 120 10.60 -7.69 -15.75
C ALA C 120 11.67 -8.57 -15.08
N VAL C 121 12.90 -8.51 -15.56
CA VAL C 121 14.00 -9.24 -14.91
C VAL C 121 14.24 -8.73 -13.50
N GLU C 122 14.29 -7.41 -13.36
CA GLU C 122 14.50 -6.78 -12.07
C GLU C 122 13.42 -7.21 -11.06
N ARG C 123 12.18 -7.32 -11.53
CA ARG C 123 11.06 -7.64 -10.65
C ARG C 123 10.85 -9.14 -10.45
N GLY C 124 11.57 -9.97 -11.20
CA GLY C 124 11.48 -11.41 -11.02
C GLY C 124 10.33 -12.13 -11.72
N ALA C 125 9.90 -11.63 -12.87
CA ALA C 125 8.90 -12.34 -13.65
C ALA C 125 9.51 -13.65 -14.20
N VAL C 126 8.67 -14.66 -14.38
CA VAL C 126 9.16 -16.02 -14.67
C VAL C 126 8.47 -16.63 -15.86
N PRO C 127 9.16 -17.53 -16.59
CA PRO C 127 10.53 -17.99 -16.30
C PRO C 127 11.57 -16.99 -16.76
N LEU C 128 12.63 -16.82 -15.99
CA LEU C 128 13.70 -15.90 -16.34
C LEU C 128 14.28 -16.18 -17.73
N GLU C 129 14.35 -17.45 -18.13
CA GLU C 129 14.98 -17.81 -19.40
CA GLU C 129 14.99 -17.79 -19.40
C GLU C 129 14.30 -17.13 -20.58
N MET C 130 12.97 -17.04 -20.52
CA MET C 130 12.18 -16.44 -21.59
C MET C 130 12.51 -14.96 -21.78
N LEU C 131 12.76 -14.27 -20.67
CA LEU C 131 13.14 -12.86 -20.72
C LEU C 131 14.54 -12.70 -21.30
N GLU C 132 15.47 -13.54 -20.84
CA GLU C 132 16.84 -13.52 -21.35
C GLU C 132 16.86 -13.75 -22.87
N ILE C 133 16.01 -14.65 -23.33
CA ILE C 133 15.91 -14.92 -24.77
C ILE C 133 15.39 -13.69 -25.49
N ALA C 134 14.33 -13.08 -24.95
CA ALA C 134 13.76 -11.87 -25.55
C ALA C 134 14.80 -10.75 -25.65
N LEU C 135 15.60 -10.58 -24.59
CA LEU C 135 16.62 -9.54 -24.56
C LEU C 135 17.74 -9.76 -25.57
N ARG C 136 18.10 -11.03 -25.80
CA ARG C 136 19.10 -11.35 -26.82
C ARG C 136 18.54 -11.07 -28.22
N ASN C 137 17.35 -11.58 -28.50
CA ASN C 137 16.69 -11.36 -29.78
C ASN C 137 16.48 -9.88 -30.12
N LEU C 138 16.17 -9.09 -29.11
CA LEU C 138 16.06 -7.64 -29.28
C LEU C 138 17.42 -7.04 -29.63
N ASN C 139 18.46 -7.48 -28.91
CA ASN C 139 19.82 -7.01 -29.14
C ASN C 139 20.31 -7.39 -30.54
N LEU C 140 19.79 -8.51 -31.05
CA LEU C 140 20.10 -8.93 -32.42
C LEU C 140 19.11 -8.30 -33.41
N GLN C 141 18.40 -7.28 -32.94
CA GLN C 141 17.46 -6.51 -33.78
C GLN C 141 16.50 -7.36 -34.59
N LYS C 142 15.96 -8.41 -33.98
CA LYS C 142 14.96 -9.23 -34.66
C LYS C 142 13.60 -8.54 -34.62
N LYS C 143 12.69 -8.98 -35.48
CA LYS C 143 11.34 -8.44 -35.52
C LYS C 143 10.46 -9.04 -34.43
N GLN C 144 10.75 -10.30 -34.09
CA GLN C 144 10.04 -11.01 -33.04
C GLN C 144 10.95 -11.25 -31.84
N LEU C 145 10.45 -10.98 -30.64
CA LEU C 145 11.22 -11.23 -29.43
C LEU C 145 11.26 -12.72 -29.11
N LEU C 146 10.27 -13.46 -29.61
CA LEU C 146 10.23 -14.91 -29.44
C LEU C 146 9.96 -15.67 -30.74
N SER C 147 10.79 -16.67 -31.02
CA SER C 147 10.59 -17.55 -32.17
C SER C 147 9.32 -18.39 -32.00
N ALA D 10 2.10 27.97 19.17
CA ALA D 10 1.72 27.29 17.93
C ALA D 10 1.80 25.76 18.07
N ASN D 11 1.00 25.07 17.27
CA ASN D 11 0.94 23.62 17.35
C ASN D 11 1.99 22.94 16.45
N ASN D 12 3.24 22.93 16.89
CA ASN D 12 4.31 22.28 16.12
C ASN D 12 5.21 21.51 17.08
N PRO D 13 6.00 20.54 16.55
CA PRO D 13 6.77 19.71 17.49
C PRO D 13 7.86 20.47 18.24
N GLU D 14 8.47 21.47 17.61
CA GLU D 14 9.56 22.21 18.26
C GLU D 14 9.06 22.98 19.48
N ASP D 15 7.94 23.70 19.32
CA ASP D 15 7.37 24.44 20.43
C ASP D 15 6.88 23.49 21.52
N TRP D 16 6.24 22.39 21.13
CA TRP D 16 5.85 21.35 22.09
C TRP D 16 7.06 20.76 22.83
N LEU D 17 8.11 20.40 22.09
CA LEU D 17 9.29 19.79 22.72
C LEU D 17 9.91 20.74 23.77
N SER D 18 9.97 22.03 23.45
CA SER D 18 10.53 23.01 24.39
C SER D 18 9.76 23.05 25.70
N LEU D 19 8.43 23.13 25.60
CA LEU D 19 7.55 23.13 26.75
C LEU D 19 7.73 21.87 27.60
N LEU D 20 7.83 20.72 26.93
CA LEU D 20 7.93 19.44 27.63
C LEU D 20 9.28 19.23 28.31
N LEU D 21 10.34 19.71 27.68
CA LEU D 21 11.68 19.62 28.28
C LEU D 21 11.75 20.51 29.53
N LYS D 22 11.22 21.73 29.40
CA LYS D 22 11.17 22.66 30.52
C LYS D 22 10.37 22.10 31.68
N LEU D 23 9.22 21.49 31.37
CA LEU D 23 8.41 20.86 32.41
C LEU D 23 9.16 19.73 33.10
N GLU D 24 9.91 18.93 32.34
CA GLU D 24 10.69 17.86 32.95
C GLU D 24 11.85 18.41 33.81
N LYS D 25 12.48 19.49 33.34
CA LYS D 25 13.57 20.14 34.08
C LYS D 25 13.05 20.72 35.39
N ASN D 26 11.81 21.22 35.36
CA ASN D 26 11.19 21.83 36.53
C ASN D 26 10.31 20.86 37.33
N SER D 27 10.49 19.57 37.11
CA SER D 27 9.76 18.55 37.85
C SER D 27 10.79 17.64 38.52
N VAL D 28 11.69 18.27 39.27
CA VAL D 28 12.79 17.55 39.92
C VAL D 28 12.60 17.46 41.44
N PRO D 29 12.83 16.26 42.00
CA PRO D 29 13.07 15.04 41.22
C PRO D 29 11.75 14.35 40.91
N LEU D 30 11.78 13.34 40.05
CA LEU D 30 10.55 12.79 39.48
C LEU D 30 9.71 11.92 40.42
N SER D 31 8.84 12.58 41.19
CA SER D 31 7.85 11.88 42.01
C SER D 31 6.81 11.21 41.12
N ASP D 32 5.95 10.38 41.73
CA ASP D 32 4.90 9.71 40.97
C ASP D 32 3.92 10.69 40.33
N ALA D 33 3.45 11.65 41.11
CA ALA D 33 2.49 12.65 40.61
C ALA D 33 3.10 13.51 39.52
N LEU D 34 4.34 13.95 39.73
CA LEU D 34 5.07 14.73 38.73
C LEU D 34 5.31 13.94 37.46
N LEU D 35 5.63 12.65 37.62
CA LEU D 35 5.81 11.75 36.50
C LEU D 35 4.50 11.57 35.74
N ASN D 36 3.41 11.42 36.48
CA ASN D 36 2.10 11.24 35.87
C ASN D 36 1.65 12.49 35.11
N LYS D 37 1.93 13.67 35.67
CA LYS D 37 1.53 14.89 35.00
C LYS D 37 2.42 15.17 33.79
N LEU D 38 3.70 14.82 33.89
CA LEU D 38 4.63 14.99 32.79
C LEU D 38 4.18 14.13 31.61
N ILE D 39 3.85 12.88 31.90
CA ILE D 39 3.33 11.96 30.89
C ILE D 39 2.03 12.52 30.29
N GLY D 40 1.18 13.07 31.14
CA GLY D 40 -0.08 13.66 30.69
C GLY D 40 0.11 14.76 29.67
N ARG D 41 1.16 15.55 29.86
CA ARG D 41 1.46 16.65 28.94
C ARG D 41 1.98 16.08 27.63
N TYR D 42 2.78 15.02 27.73
CA TYR D 42 3.28 14.36 26.53
C TYR D 42 2.10 13.83 25.72
N SER D 43 1.14 13.25 26.42
CA SER D 43 -0.06 12.74 25.77
C SER D 43 -0.79 13.82 25.02
N GLN D 44 -0.82 15.03 25.56
CA GLN D 44 -1.46 16.14 24.87
C GLN D 44 -0.70 16.53 23.62
N ALA D 45 0.62 16.53 23.71
CA ALA D 45 1.47 16.84 22.57
C ALA D 45 1.20 15.83 21.46
N ILE D 46 1.12 14.57 21.86
CA ILE D 46 0.99 13.49 20.90
C ILE D 46 -0.36 13.52 20.20
N GLU D 47 -1.40 13.85 20.96
CA GLU D 47 -2.75 13.99 20.39
C GLU D 47 -2.89 15.21 19.47
N ALA D 48 -2.03 16.20 19.67
CA ALA D 48 -2.08 17.45 18.92
C ALA D 48 -1.28 17.45 17.63
N LEU D 49 -0.30 16.55 17.52
CA LEU D 49 0.62 16.55 16.39
C LEU D 49 0.37 15.38 15.44
N PRO D 50 -0.25 15.64 14.28
CA PRO D 50 -0.57 14.51 13.39
C PRO D 50 0.69 13.84 12.86
N PRO D 51 0.85 12.52 13.08
CA PRO D 51 2.11 11.86 12.70
C PRO D 51 2.45 11.94 11.22
N ASP D 52 1.45 12.00 10.33
CA ASP D 52 1.75 12.02 8.90
C ASP D 52 2.49 13.30 8.46
N LYS D 53 2.39 14.35 9.27
CA LYS D 53 3.08 15.61 8.98
C LYS D 53 4.55 15.59 9.37
N TYR D 54 4.90 14.69 10.30
CA TYR D 54 6.12 14.87 11.08
C TYR D 54 7.05 13.67 11.10
N GLY D 55 6.93 12.78 10.12
CA GLY D 55 7.73 11.57 10.12
C GLY D 55 9.22 11.85 10.05
N GLN D 56 9.59 12.99 9.49
CA GLN D 56 11.00 13.33 9.33
C GLN D 56 11.45 14.42 10.30
N ASN D 57 10.57 14.77 11.23
CA ASN D 57 10.83 15.86 12.17
C ASN D 57 11.49 15.32 13.42
N GLU D 58 12.71 15.79 13.69
CA GLU D 58 13.47 15.21 14.79
C GLU D 58 12.86 15.51 16.16
N SER D 59 12.30 16.71 16.31
CA SER D 59 11.68 17.05 17.59
C SER D 59 10.45 16.18 17.85
N PHE D 60 9.68 15.91 16.80
CA PHE D 60 8.56 14.98 16.92
C PHE D 60 9.05 13.62 17.40
N ALA D 61 10.13 13.12 16.80
CA ALA D 61 10.69 11.83 17.20
C ALA D 61 11.10 11.87 18.66
N ARG D 62 11.67 12.99 19.11
CA ARG D 62 12.08 13.09 20.52
C ARG D 62 10.88 13.05 21.45
N ILE D 63 9.76 13.61 20.99
CA ILE D 63 8.54 13.59 21.77
C ILE D 63 8.01 12.16 21.87
N GLN D 64 7.92 11.49 20.72
CA GLN D 64 7.39 10.12 20.70
C GLN D 64 8.25 9.19 21.54
N VAL D 65 9.57 9.34 21.41
CA VAL D 65 10.49 8.49 22.16
C VAL D 65 10.42 8.74 23.67
N ARG D 66 10.43 10.00 24.06
CA ARG D 66 10.46 10.32 25.49
C ARG D 66 9.16 9.91 26.19
N PHE D 67 8.04 10.03 25.48
CA PHE D 67 6.77 9.54 26.01
C PHE D 67 6.88 8.07 26.34
N ALA D 68 7.46 7.29 25.43
CA ALA D 68 7.59 5.86 25.64
C ALA D 68 8.53 5.55 26.79
N GLU D 69 9.66 6.26 26.85
CA GLU D 69 10.62 6.05 27.94
C GLU D 69 10.00 6.37 29.30
N LEU D 70 9.24 7.45 29.37
CA LEU D 70 8.57 7.85 30.61
C LEU D 70 7.52 6.82 31.03
N LYS D 71 6.77 6.32 30.05
CA LYS D 71 5.82 5.23 30.33
C LYS D 71 6.55 3.98 30.85
N ALA D 72 7.73 3.70 30.29
CA ALA D 72 8.50 2.53 30.73
C ALA D 72 8.99 2.66 32.17
N ILE D 73 9.26 3.90 32.59
CA ILE D 73 9.63 4.19 33.98
C ILE D 73 8.43 3.94 34.90
N GLN D 74 7.27 4.41 34.48
CA GLN D 74 6.05 4.33 35.28
C GLN D 74 5.54 2.89 35.40
N GLU D 75 5.53 2.18 34.28
CA GLU D 75 5.08 0.79 34.25
C GLU D 75 5.65 0.08 33.01
N PRO D 76 6.83 -0.56 33.18
CA PRO D 76 7.54 -1.19 32.06
C PRO D 76 6.80 -2.34 31.38
N ASP D 77 5.96 -3.05 32.10
CA ASP D 77 5.22 -4.19 31.55
C ASP D 77 4.10 -3.78 30.59
N ASP D 78 3.88 -2.47 30.47
CA ASP D 78 2.81 -1.94 29.63
C ASP D 78 3.30 -0.91 28.63
N ALA D 79 4.61 -0.78 28.46
CA ALA D 79 5.14 0.33 27.68
C ALA D 79 5.47 -0.01 26.24
N ARG D 80 5.44 -1.30 25.89
CA ARG D 80 5.92 -1.75 24.59
C ARG D 80 5.19 -1.08 23.41
N ASP D 81 3.88 -0.89 23.53
CA ASP D 81 3.09 -0.32 22.42
C ASP D 81 3.60 1.09 22.06
N TYR D 82 4.10 1.81 23.05
CA TYR D 82 4.52 3.19 22.83
C TYR D 82 5.84 3.27 22.07
N PHE D 83 6.71 2.29 22.27
CA PHE D 83 7.92 2.18 21.46
C PHE D 83 7.57 1.74 20.03
N GLN D 84 6.59 0.83 19.92
CA GLN D 84 6.13 0.37 18.61
C GLN D 84 5.62 1.55 17.80
N MET D 85 4.89 2.44 18.45
CA MET D 85 4.35 3.61 17.75
C MET D 85 5.44 4.60 17.37
N ALA D 86 6.39 4.85 18.27
CA ALA D 86 7.50 5.74 17.94
C ALA D 86 8.29 5.20 16.76
N ARG D 87 8.53 3.89 16.73
CA ARG D 87 9.23 3.31 15.59
C ARG D 87 8.39 3.36 14.30
N ALA D 88 7.10 3.12 14.43
CA ALA D 88 6.18 3.24 13.27
C ALA D 88 6.17 4.64 12.68
N ASN D 89 6.18 5.65 13.55
CA ASN D 89 6.00 7.04 13.12
C ASN D 89 7.27 7.80 12.78
N CYS D 90 8.41 7.32 13.28
CA CYS D 90 9.66 8.05 13.21
C CYS D 90 10.82 7.14 12.82
N LYS D 91 10.58 6.29 11.84
CA LYS D 91 11.51 5.21 11.51
C LYS D 91 12.89 5.69 11.05
N LYS D 92 12.99 6.91 10.52
CA LYS D 92 14.27 7.31 9.93
C LYS D 92 15.39 7.43 10.95
N PHE D 93 15.02 7.65 12.22
CA PHE D 93 15.99 8.05 13.24
C PHE D 93 16.51 6.88 14.05
N ALA D 94 17.81 6.62 13.91
CA ALA D 94 18.47 5.57 14.69
C ALA D 94 18.15 5.62 16.17
N PHE D 95 18.06 6.82 16.75
CA PHE D 95 17.87 6.91 18.20
C PHE D 95 16.52 6.34 18.65
N VAL D 96 15.54 6.36 17.75
CA VAL D 96 14.23 5.79 18.03
C VAL D 96 14.35 4.28 18.14
N HIS D 97 15.05 3.67 17.19
CA HIS D 97 15.24 2.22 17.22
C HIS D 97 16.05 1.80 18.44
N ILE D 98 17.02 2.62 18.81
CA ILE D 98 17.89 2.32 19.95
C ILE D 98 17.14 2.40 21.28
N SER D 99 16.26 3.39 21.42
CA SER D 99 15.44 3.49 22.63
C SER D 99 14.56 2.25 22.77
N PHE D 100 14.00 1.78 21.66
CA PHE D 100 13.19 0.56 21.66
C PHE D 100 14.11 -0.61 22.02
N ALA D 101 15.25 -0.71 21.36
CA ALA D 101 16.21 -1.77 21.67
C ALA D 101 16.67 -1.71 23.14
N GLN D 102 16.88 -0.51 23.66
CA GLN D 102 17.28 -0.33 25.06
C GLN D 102 16.20 -0.83 26.00
N PHE D 103 14.95 -0.51 25.68
CA PHE D 103 13.81 -0.97 26.46
C PHE D 103 13.77 -2.49 26.52
N GLU D 104 13.88 -3.14 25.37
CA GLU D 104 13.83 -4.60 25.32
C GLU D 104 14.97 -5.22 26.11
N LEU D 105 16.16 -4.64 25.97
CA LEU D 105 17.33 -5.08 26.74
C LEU D 105 17.08 -4.97 28.25
N SER D 106 16.43 -3.88 28.67
CA SER D 106 16.14 -3.66 30.08
C SER D 106 15.08 -4.64 30.61
N GLN D 107 14.40 -5.33 29.71
CA GLN D 107 13.42 -6.34 30.10
C GLN D 107 14.00 -7.75 29.97
N GLY D 108 15.26 -7.85 29.58
CA GLY D 108 15.92 -9.13 29.44
C GLY D 108 15.64 -9.79 28.11
N ASN D 109 15.23 -9.01 27.13
CA ASN D 109 14.96 -9.52 25.80
C ASN D 109 16.10 -9.23 24.84
N VAL D 110 17.25 -9.86 25.10
CA VAL D 110 18.49 -9.61 24.38
C VAL D 110 18.41 -9.91 22.89
N LYS D 111 17.74 -11.00 22.54
CA LYS D 111 17.56 -11.37 21.13
C LYS D 111 16.73 -10.35 20.35
N LYS D 112 15.61 -9.93 20.92
CA LYS D 112 14.75 -8.96 20.25
C LYS D 112 15.44 -7.60 20.16
N SER D 113 16.18 -7.26 21.22
CA SER D 113 16.99 -6.05 21.23
C SER D 113 17.97 -6.06 20.06
N LYS D 114 18.66 -7.18 19.86
CA LYS D 114 19.59 -7.28 18.74
C LYS D 114 18.88 -7.21 17.39
N GLN D 115 17.73 -7.87 17.30
CA GLN D 115 16.98 -7.89 16.04
C GLN D 115 16.49 -6.49 15.68
N LEU D 116 16.09 -5.73 16.70
CA LEU D 116 15.65 -4.35 16.51
C LEU D 116 16.77 -3.50 15.93
N LEU D 117 17.97 -3.62 16.49
CA LEU D 117 19.12 -2.86 16.02
C LEU D 117 19.54 -3.29 14.60
N GLN D 118 19.54 -4.59 14.34
CA GLN D 118 19.91 -5.09 13.02
C GLN D 118 18.90 -4.68 11.96
N LYS D 119 17.62 -4.69 12.32
CA LYS D 119 16.59 -4.27 11.38
C LYS D 119 16.77 -2.79 11.05
N ALA D 120 17.11 -2.00 12.07
CA ALA D 120 17.36 -0.59 11.85
C ALA D 120 18.50 -0.37 10.87
N VAL D 121 19.59 -1.12 11.01
CA VAL D 121 20.68 -1.03 10.05
C VAL D 121 20.20 -1.41 8.65
N GLU D 122 19.45 -2.50 8.56
CA GLU D 122 18.93 -2.97 7.28
C GLU D 122 18.10 -1.91 6.57
N ARG D 123 17.31 -1.19 7.35
CA ARG D 123 16.37 -0.20 6.82
C ARG D 123 17.01 1.16 6.56
N GLY D 124 18.24 1.34 7.03
CA GLY D 124 18.96 2.59 6.79
C GLY D 124 18.65 3.71 7.74
N ALA D 125 18.30 3.38 8.98
CA ALA D 125 18.08 4.41 9.99
C ALA D 125 19.38 5.15 10.26
N VAL D 126 19.29 6.45 10.57
CA VAL D 126 20.49 7.29 10.65
C VAL D 126 20.60 8.02 12.00
N PRO D 127 21.84 8.28 12.45
CA PRO D 127 23.09 7.92 11.79
C PRO D 127 23.51 6.46 12.03
N LEU D 128 24.12 5.85 11.02
CA LEU D 128 24.55 4.46 11.09
C LEU D 128 25.48 4.22 12.28
N GLU D 129 26.40 5.16 12.50
CA GLU D 129 27.40 5.04 13.55
C GLU D 129 26.78 4.71 14.91
N MET D 130 25.72 5.42 15.25
CA MET D 130 25.01 5.20 16.52
C MET D 130 24.51 3.76 16.65
N LEU D 131 24.03 3.18 15.56
CA LEU D 131 23.58 1.79 15.57
C LEU D 131 24.74 0.84 15.79
N GLU D 132 25.84 1.07 15.07
CA GLU D 132 27.05 0.23 15.20
C GLU D 132 27.62 0.26 16.60
N ILE D 133 27.49 1.40 17.28
CA ILE D 133 27.94 1.55 18.66
C ILE D 133 27.03 0.79 19.61
N ALA D 134 25.72 0.90 19.41
CA ALA D 134 24.75 0.17 20.24
C ALA D 134 24.95 -1.34 20.11
N LEU D 135 25.17 -1.78 18.88
CA LEU D 135 25.36 -3.22 18.59
C LEU D 135 26.61 -3.77 19.27
N ARG D 136 27.67 -2.97 19.34
CA ARG D 136 28.89 -3.36 20.01
C ARG D 136 28.68 -3.45 21.52
N ASN D 137 28.06 -2.42 22.09
CA ASN D 137 27.77 -2.40 23.51
C ASN D 137 26.79 -3.51 23.90
N LEU D 138 25.95 -3.90 22.95
CA LEU D 138 25.08 -5.06 23.13
C LEU D 138 25.91 -6.33 23.23
N ASN D 139 26.69 -6.60 22.19
CA ASN D 139 27.53 -7.80 22.12
C ASN D 139 28.59 -7.88 23.23
N LEU D 140 28.86 -6.74 23.86
CA LEU D 140 29.74 -6.69 25.02
C LEU D 140 28.92 -6.86 26.29
N GLN D 141 27.67 -7.31 26.11
CA GLN D 141 26.74 -7.54 27.22
C GLN D 141 26.67 -6.37 28.19
N LYS D 142 26.87 -5.17 27.66
CA LYS D 142 26.83 -3.95 28.46
C LYS D 142 25.37 -3.61 28.78
N LYS D 143 25.18 -2.73 29.75
CA LYS D 143 23.86 -2.46 30.28
C LYS D 143 23.14 -1.39 29.47
N GLN D 144 23.88 -0.34 29.12
CA GLN D 144 23.34 0.73 28.28
C GLN D 144 23.91 0.64 26.87
N LEU D 145 23.04 0.70 25.87
CA LEU D 145 23.47 0.63 24.48
C LEU D 145 24.28 1.86 24.11
N LEU D 146 23.91 2.99 24.71
CA LEU D 146 24.64 4.24 24.57
C LEU D 146 24.88 4.87 25.95
N SER D 147 26.10 5.34 26.20
CA SER D 147 26.37 6.15 27.39
C SER D 147 25.93 7.59 27.13
#